data_4GQ1
#
_entry.id   4GQ1
#
_cell.length_a   131.026
_cell.length_b   131.026
_cell.length_c   116.948
_cell.angle_alpha   90.00
_cell.angle_beta   90.00
_cell.angle_gamma   90.00
#
_symmetry.space_group_name_H-M   'P 41 21 2'
#
loop_
_entity.id
_entity.type
_entity.pdbx_description
1 polymer Nup37
2 non-polymer 'SULFATE ION'
3 water water
#
_entity_poly.entity_id   1
_entity_poly.type   'polypeptide(L)'
_entity_poly.pdbx_seq_one_letter_code
;GSMTLSSNQYQLPLNVRPYTTTWCSQSPSCSNLLAIGHDTGITIYCASEEQTPGSTGLTLQELFTIQTGLPTLHLSFSSS
CSYSENLHDGDGNVNSSPVYSLFLACVCQDNTVRLIITKNETIITQHVLGGKSGHHNFVNDIDIADVYSADNRLAEQVIA
SVGDDCTLIIWRLTDEGPILAGYPLSSPGISVQFRPSNPNQLIVGERNGNIRIFDWTLNLSAEENSQTELVKNPWLLTLN
TLPLVNTCHSSGIASSLANVRWIGSDGSGILAMCKSGAWLRWNLFANNDYNEISDSTMKLGPKNLLPNVQGISLFPSLLG
ACPHPRYMDYFATAHSQHGLIQLINTYEKDSNSIPIQLGMPIVDFCWHQDGSHLAIATEGSVLLTRLMGFTRL
;
_entity_poly.pdbx_strand_id   A
#
# COMPACT_ATOMS: atom_id res chain seq x y z
N GLY A 1 6.28 24.04 9.76
CA GLY A 1 7.67 23.71 10.17
C GLY A 1 8.30 22.71 9.21
N SER A 2 9.59 22.87 8.98
CA SER A 2 10.36 22.02 8.10
C SER A 2 10.97 20.92 8.91
N MET A 3 11.67 20.01 8.22
CA MET A 3 12.45 18.97 8.87
C MET A 3 13.81 18.78 8.20
N THR A 4 14.80 18.46 9.02
CA THR A 4 16.12 18.13 8.55
C THR A 4 16.08 16.79 7.81
N LEU A 5 16.70 16.74 6.63
CA LEU A 5 16.63 15.55 5.78
C LEU A 5 17.70 15.56 4.71
N SER A 6 17.87 14.42 4.05
CA SER A 6 18.70 14.28 2.87
C SER A 6 17.92 13.48 1.83
N SER A 7 18.05 13.83 0.55
CA SER A 7 17.36 13.12 -0.52
C SER A 7 18.27 12.84 -1.68
N ASN A 8 18.18 11.61 -2.20
CA ASN A 8 18.76 11.28 -3.49
C ASN A 8 17.65 11.05 -4.50
N GLN A 9 17.89 11.47 -5.73
CA GLN A 9 16.90 11.33 -6.77
C GLN A 9 17.49 10.55 -7.92
N TYR A 10 16.70 9.61 -8.43
CA TYR A 10 17.11 8.72 -9.49
C TYR A 10 16.14 8.87 -10.66
N GLN A 11 16.68 9.30 -11.79
CA GLN A 11 15.92 9.40 -13.04
C GLN A 11 15.43 8.04 -13.47
N LEU A 12 14.18 8.00 -13.91
CA LEU A 12 13.64 6.80 -14.55
C LEU A 12 13.89 6.96 -16.05
N PRO A 13 14.00 5.84 -16.80
CA PRO A 13 14.10 6.01 -18.27
C PRO A 13 13.03 6.98 -18.80
N LEU A 14 13.42 7.85 -19.74
CA LEU A 14 12.57 8.97 -20.23
C LEU A 14 11.16 8.56 -20.73
N ASN A 15 11.02 7.30 -21.12
CA ASN A 15 9.75 6.75 -21.61
C ASN A 15 8.92 6.01 -20.54
N VAL A 16 9.37 6.05 -19.28
CA VAL A 16 8.77 5.29 -18.20
C VAL A 16 7.95 6.18 -17.28
N ARG A 17 6.63 6.02 -17.31
CA ARG A 17 5.75 6.71 -16.37
C ARG A 17 5.43 5.80 -15.17
N PRO A 18 5.80 6.23 -13.95
CA PRO A 18 5.47 5.44 -12.76
C PRO A 18 4.02 5.59 -12.29
N TYR A 19 3.48 4.56 -11.65
CA TYR A 19 2.14 4.64 -11.08
C TYR A 19 2.12 4.34 -9.60
N THR A 20 3.04 3.51 -9.12
CA THR A 20 2.90 3.04 -7.73
C THR A 20 4.25 2.65 -7.15
N THR A 21 4.42 2.81 -5.84
CA THR A 21 5.69 2.48 -5.18
C THR A 21 5.39 1.68 -3.92
N THR A 22 6.15 0.63 -3.67
CA THR A 22 6.01 -0.09 -2.42
C THR A 22 7.32 -0.80 -2.04
N TRP A 23 7.60 -0.82 -0.74
CA TRP A 23 8.75 -1.56 -0.23
C TRP A 23 8.32 -2.94 0.10
N CYS A 24 9.23 -3.90 -0.07
CA CYS A 24 8.94 -5.28 0.28
C CYS A 24 9.10 -5.58 1.77
N SER A 25 8.32 -4.88 2.58
CA SER A 25 8.40 -4.95 4.03
C SER A 25 7.86 -6.24 4.63
N GLN A 26 6.96 -6.90 3.89
CA GLN A 26 6.25 -8.09 4.37
C GLN A 26 7.22 -9.26 4.55
N SER A 27 8.37 -9.17 3.90
CA SER A 27 9.35 -10.23 3.96
C SER A 27 10.72 -9.71 4.43
N PRO A 28 11.14 -10.11 5.64
CA PRO A 28 12.33 -9.62 6.37
C PRO A 28 13.63 -9.63 5.54
N SER A 29 13.92 -10.75 4.90
CA SER A 29 15.10 -10.85 4.05
C SER A 29 15.10 -9.88 2.86
N CYS A 30 13.93 -9.39 2.46
CA CYS A 30 13.81 -8.57 1.24
C CYS A 30 13.36 -7.12 1.46
N SER A 31 13.38 -6.67 2.72
CA SER A 31 12.85 -5.37 3.10
C SER A 31 13.58 -4.14 2.55
N ASN A 32 14.71 -4.35 1.89
CA ASN A 32 15.44 -3.25 1.25
C ASN A 32 15.12 -3.14 -0.23
N LEU A 33 14.20 -3.99 -0.69
CA LEU A 33 13.74 -3.95 -2.06
C LEU A 33 12.61 -2.94 -2.22
N LEU A 34 12.68 -2.16 -3.30
CA LEU A 34 11.65 -1.19 -3.60
C LEU A 34 11.11 -1.52 -4.98
N ALA A 35 9.78 -1.59 -5.12
CA ALA A 35 9.18 -1.80 -6.44
C ALA A 35 8.51 -0.54 -6.94
N ILE A 36 8.69 -0.27 -8.22
CA ILE A 36 7.96 0.78 -8.89
C ILE A 36 7.18 0.16 -10.03
N GLY A 37 5.85 0.22 -9.91
CA GLY A 37 4.98 -0.16 -11.02
C GLY A 37 4.87 0.99 -12.00
N HIS A 38 5.02 0.67 -13.27
CA HIS A 38 5.04 1.68 -14.33
C HIS A 38 4.35 1.18 -15.57
N ASP A 39 4.56 1.85 -16.71
CA ASP A 39 3.71 1.61 -17.87
C ASP A 39 3.97 0.30 -18.64
N THR A 40 5.13 -0.32 -18.45
CA THR A 40 5.43 -1.60 -19.13
C THR A 40 5.82 -2.71 -18.16
N GLY A 41 5.75 -2.43 -16.87
CA GLY A 41 5.98 -3.46 -15.88
C GLY A 41 6.32 -2.93 -14.52
N ILE A 42 7.21 -3.67 -13.86
CA ILE A 42 7.60 -3.39 -12.50
C ILE A 42 9.11 -3.43 -12.42
N THR A 43 9.70 -2.33 -11.98
CA THR A 43 11.15 -2.26 -11.82
C THR A 43 11.47 -2.40 -10.34
N ILE A 44 12.45 -3.26 -10.03
CA ILE A 44 12.86 -3.55 -8.66
C ILE A 44 14.19 -2.85 -8.36
N TYR A 45 14.26 -2.16 -7.24
CA TYR A 45 15.49 -1.50 -6.78
C TYR A 45 15.90 -2.10 -5.45
N CYS A 46 17.20 -2.05 -5.17
CA CYS A 46 17.72 -2.40 -3.87
C CYS A 46 18.29 -1.14 -3.24
N ALA A 47 17.88 -0.87 -2.02
CA ALA A 47 18.45 0.20 -1.21
C ALA A 47 19.58 -0.39 -0.38
N SER A 48 20.75 0.23 -0.43
CA SER A 48 21.85 -0.16 0.46
C SER A 48 22.69 1.06 0.84
N GLU A 49 23.50 0.89 1.87
CA GLU A 49 24.37 1.96 2.39
C GLU A 49 25.37 2.50 1.36
N GLU A 50 25.59 3.81 1.38
CA GLU A 50 26.47 4.47 0.41
C GLU A 50 27.95 4.09 0.63
N GLN A 51 28.73 4.12 -0.44
CA GLN A 51 30.14 3.71 -0.43
C GLN A 51 31.14 4.85 -0.21
N THR A 52 30.78 6.06 -0.64
CA THR A 52 31.63 7.26 -0.43
C THR A 52 31.65 7.65 1.06
N PRO A 53 32.86 7.89 1.62
CA PRO A 53 33.03 8.12 3.07
C PRO A 53 32.21 9.28 3.66
N GLY A 54 31.38 8.96 4.66
CA GLY A 54 30.60 9.96 5.38
C GLY A 54 29.14 10.08 4.96
N SER A 55 28.50 8.95 4.67
CA SER A 55 27.10 8.93 4.24
C SER A 55 26.38 7.74 4.86
N THR A 56 25.70 7.96 5.99
CA THR A 56 24.93 6.91 6.65
C THR A 56 23.64 6.62 5.87
N GLY A 57 23.24 7.59 5.04
CA GLY A 57 22.05 7.47 4.20
C GLY A 57 22.14 6.38 3.15
N LEU A 58 20.99 5.94 2.68
CA LEU A 58 20.90 4.86 1.71
C LEU A 58 21.01 5.36 0.27
N THR A 59 21.56 4.52 -0.61
CA THR A 59 21.46 4.73 -2.04
C THR A 59 20.54 3.66 -2.70
N LEU A 60 20.12 3.91 -3.92
CA LEU A 60 19.25 3.01 -4.65
C LEU A 60 19.99 2.45 -5.85
N GLN A 61 19.87 1.15 -6.05
CA GLN A 61 20.44 0.49 -7.20
C GLN A 61 19.33 -0.26 -7.95
N GLU A 62 19.21 0.02 -9.23
CA GLU A 62 18.24 -0.65 -10.06
C GLU A 62 18.70 -2.08 -10.35
N LEU A 63 17.83 -3.06 -10.11
CA LEU A 63 18.21 -4.46 -10.27
C LEU A 63 17.77 -5.05 -11.58
N PHE A 64 16.47 -4.96 -11.87
CA PHE A 64 15.91 -5.58 -13.06
C PHE A 64 14.46 -5.13 -13.22
N THR A 65 13.87 -5.45 -14.37
CA THR A 65 12.50 -5.10 -14.65
C THR A 65 11.66 -6.32 -15.04
N ILE A 66 10.58 -6.52 -14.29
CA ILE A 66 9.60 -7.54 -14.63
C ILE A 66 8.70 -6.99 -15.73
N GLN A 67 8.75 -7.61 -16.91
CA GLN A 67 7.93 -7.16 -18.07
C GLN A 67 6.52 -7.66 -17.98
N THR A 68 5.56 -6.75 -18.16
CA THR A 68 4.16 -7.13 -18.26
C THR A 68 3.55 -6.63 -19.57
N GLY A 69 4.17 -5.63 -20.18
CA GLY A 69 3.59 -5.01 -21.39
C GLY A 69 2.46 -4.01 -21.21
N LEU A 70 2.07 -3.70 -19.96
CA LEU A 70 1.03 -2.69 -19.72
C LEU A 70 1.13 -2.07 -18.32
N PRO A 71 0.42 -0.95 -18.08
CA PRO A 71 0.60 -0.30 -16.78
C PRO A 71 0.24 -1.16 -15.57
N THR A 72 1.09 -1.08 -14.55
CA THR A 72 0.81 -1.71 -13.27
C THR A 72 0.43 -0.59 -12.29
N LEU A 73 -0.81 -0.64 -11.79
CA LEU A 73 -1.42 0.47 -11.04
C LEU A 73 -1.38 0.32 -9.52
N HIS A 74 -1.38 -0.91 -9.03
CA HIS A 74 -1.32 -1.14 -7.59
C HIS A 74 -0.52 -2.38 -7.45
N LEU A 75 0.14 -2.52 -6.31
CA LEU A 75 1.11 -3.56 -6.15
C LEU A 75 1.28 -3.85 -4.67
N SER A 76 1.34 -5.12 -4.31
CA SER A 76 1.64 -5.49 -2.93
C SER A 76 2.54 -6.72 -2.91
N PHE A 77 3.64 -6.67 -2.16
CA PHE A 77 4.55 -7.82 -1.99
C PHE A 77 3.94 -8.80 -0.99
N SER A 78 4.24 -10.08 -1.12
CA SER A 78 3.82 -11.01 -0.09
C SER A 78 4.99 -11.35 0.84
N SER A 79 4.68 -11.98 1.97
CA SER A 79 5.68 -12.44 2.93
C SER A 79 6.53 -13.64 2.44
N SER A 80 6.22 -14.20 1.28
CA SER A 80 6.98 -15.34 0.76
C SER A 80 8.18 -14.94 -0.09
N CYS A 81 8.42 -13.64 -0.27
CA CYS A 81 9.58 -13.25 -1.08
C CYS A 81 10.87 -13.68 -0.38
N SER A 82 11.85 -14.13 -1.14
CA SER A 82 13.11 -14.54 -0.53
C SER A 82 14.24 -14.30 -1.49
N TYR A 83 15.44 -14.28 -0.91
CA TYR A 83 16.67 -14.05 -1.64
C TYR A 83 17.60 -15.23 -1.35
N SER A 84 18.37 -15.64 -2.34
CA SER A 84 19.41 -16.61 -2.09
C SER A 84 20.58 -16.30 -2.98
N GLU A 85 21.78 -16.40 -2.42
CA GLU A 85 23.02 -16.26 -3.17
C GLU A 85 23.47 -17.65 -3.61
N ASN A 86 23.89 -17.77 -4.87
CA ASN A 86 24.27 -19.05 -5.49
C ASN A 86 23.10 -20.02 -5.68
N SER A 97 25.36 -16.71 -9.10
CA SER A 97 24.23 -15.91 -9.57
C SER A 97 23.14 -15.79 -8.49
N PRO A 98 22.97 -14.57 -7.94
CA PRO A 98 21.97 -14.35 -6.88
C PRO A 98 20.54 -14.30 -7.44
N VAL A 99 19.61 -14.94 -6.75
CA VAL A 99 18.24 -14.97 -7.24
C VAL A 99 17.25 -14.47 -6.21
N TYR A 100 16.51 -13.44 -6.59
CA TYR A 100 15.31 -13.03 -5.84
C TYR A 100 14.09 -13.81 -6.30
N SER A 101 13.43 -14.48 -5.37
CA SER A 101 12.19 -15.17 -5.66
C SER A 101 11.08 -14.28 -5.16
N LEU A 102 10.39 -13.62 -6.09
CA LEU A 102 9.36 -12.66 -5.66
C LEU A 102 7.97 -13.23 -5.87
N PHE A 103 7.07 -12.86 -4.96
CA PHE A 103 5.64 -13.13 -5.04
C PHE A 103 4.99 -11.75 -4.89
N LEU A 104 4.32 -11.30 -5.95
CA LEU A 104 3.73 -9.95 -6.04
C LEU A 104 2.28 -10.05 -6.45
N ALA A 105 1.41 -9.36 -5.73
CA ALA A 105 0.04 -9.17 -6.13
C ALA A 105 -0.07 -7.81 -6.78
N CYS A 106 -0.72 -7.74 -7.94
CA CYS A 106 -0.87 -6.43 -8.56
C CYS A 106 -2.12 -6.28 -9.40
N VAL A 107 -2.38 -5.04 -9.79
CA VAL A 107 -3.49 -4.67 -10.65
C VAL A 107 -2.90 -4.06 -11.91
N CYS A 108 -3.39 -4.51 -13.07
CA CYS A 108 -2.90 -3.98 -14.33
C CYS A 108 -3.96 -3.17 -15.07
N GLN A 109 -3.53 -2.39 -16.06
CA GLN A 109 -4.41 -1.51 -16.84
C GLN A 109 -5.60 -2.25 -17.47
N ASP A 110 -5.48 -3.57 -17.63
CA ASP A 110 -6.60 -4.34 -18.23
C ASP A 110 -7.64 -4.74 -17.19
N ASN A 111 -7.57 -4.13 -15.99
CA ASN A 111 -8.43 -4.48 -14.85
C ASN A 111 -8.31 -5.91 -14.37
N THR A 112 -7.13 -6.49 -14.50
CA THR A 112 -6.89 -7.81 -13.94
C THR A 112 -6.26 -7.65 -12.58
N VAL A 113 -6.53 -8.63 -11.72
CA VAL A 113 -5.85 -8.81 -10.46
C VAL A 113 -4.96 -10.00 -10.72
N ARG A 114 -3.70 -9.94 -10.27
CA ARG A 114 -2.71 -10.98 -10.60
C ARG A 114 -1.81 -11.37 -9.42
N LEU A 115 -1.36 -12.62 -9.43
CA LEU A 115 -0.25 -13.02 -8.62
C LEU A 115 0.86 -13.35 -9.60
N ILE A 116 1.99 -12.66 -9.44
CA ILE A 116 3.11 -12.79 -10.31
C ILE A 116 4.24 -13.38 -9.47
N ILE A 117 4.77 -14.53 -9.91
CA ILE A 117 5.81 -15.28 -9.17
C ILE A 117 7.05 -15.31 -10.04
N THR A 118 8.18 -14.84 -9.50
CA THR A 118 9.35 -14.62 -10.33
C THR A 118 10.67 -15.22 -9.83
N LYS A 119 11.62 -15.32 -10.76
CA LYS A 119 13.04 -15.55 -10.46
C LYS A 119 13.74 -14.38 -11.10
N ASN A 120 14.23 -13.47 -10.25
CA ASN A 120 14.61 -12.13 -10.72
C ASN A 120 13.51 -11.55 -11.63
N GLU A 121 13.87 -11.10 -12.84
CA GLU A 121 12.90 -10.54 -13.78
C GLU A 121 11.97 -11.55 -14.44
N THR A 122 12.29 -12.83 -14.37
CA THR A 122 11.53 -13.82 -15.14
C THR A 122 10.28 -14.26 -14.39
N ILE A 123 9.13 -14.10 -15.03
CA ILE A 123 7.86 -14.54 -14.47
C ILE A 123 7.71 -16.06 -14.67
N ILE A 124 8.07 -16.85 -13.67
CA ILE A 124 7.96 -18.29 -13.83
C ILE A 124 6.50 -18.74 -13.83
N THR A 125 5.67 -18.07 -13.03
CA THR A 125 4.26 -18.42 -12.90
C THR A 125 3.48 -17.15 -12.71
N GLN A 126 2.30 -17.08 -13.31
CA GLN A 126 1.46 -15.90 -13.21
C GLN A 126 0.02 -16.40 -13.20
N HIS A 127 -0.76 -15.95 -12.22
CA HIS A 127 -2.20 -16.24 -12.19
C HIS A 127 -2.92 -14.96 -12.44
N VAL A 128 -3.89 -15.01 -13.33
CA VAL A 128 -4.57 -13.80 -13.77
C VAL A 128 -6.06 -13.90 -13.56
N LEU A 129 -6.62 -12.97 -12.79
CA LEU A 129 -8.06 -12.97 -12.56
C LEU A 129 -8.69 -11.82 -13.36
N GLY A 130 -9.42 -12.20 -14.41
CA GLY A 130 -10.06 -11.24 -15.31
C GLY A 130 -11.36 -11.76 -15.90
N GLY A 131 -11.67 -11.32 -17.10
CA GLY A 131 -12.89 -11.77 -17.79
C GLY A 131 -14.14 -11.59 -16.94
N LYS A 132 -14.92 -12.65 -16.81
CA LYS A 132 -16.17 -12.60 -16.06
C LYS A 132 -15.97 -12.90 -14.59
N SER A 133 -14.87 -13.57 -14.24
CA SER A 133 -14.62 -13.93 -12.85
C SER A 133 -14.11 -12.77 -11.99
N GLY A 134 -13.52 -11.76 -12.64
CA GLY A 134 -12.84 -10.66 -11.95
C GLY A 134 -13.74 -9.45 -11.84
N HIS A 135 -13.12 -8.29 -11.65
CA HIS A 135 -13.87 -7.05 -11.49
C HIS A 135 -14.43 -6.60 -12.81
N HIS A 136 -15.56 -5.91 -12.79
CA HIS A 136 -16.23 -5.50 -14.03
C HIS A 136 -16.12 -4.03 -14.28
N ASN A 137 -15.19 -3.39 -13.58
CA ASN A 137 -14.90 -1.96 -13.68
C ASN A 137 -13.48 -1.71 -13.10
N PHE A 138 -13.07 -0.46 -12.94
CA PHE A 138 -11.72 -0.16 -12.43
C PHE A 138 -11.47 -0.78 -11.05
N VAL A 139 -10.32 -1.43 -10.90
CA VAL A 139 -9.86 -1.93 -9.60
C VAL A 139 -9.06 -0.83 -8.89
N ASN A 140 -9.44 -0.50 -7.64
CA ASN A 140 -8.81 0.64 -6.95
C ASN A 140 -7.73 0.26 -5.95
N ASP A 141 -7.71 -0.99 -5.51
CA ASP A 141 -6.73 -1.38 -4.51
C ASP A 141 -6.66 -2.91 -4.38
N ILE A 142 -5.55 -3.39 -3.83
CA ILE A 142 -5.28 -4.82 -3.71
C ILE A 142 -4.43 -5.08 -2.45
N ASP A 143 -4.56 -6.26 -1.85
CA ASP A 143 -3.63 -6.65 -0.81
C ASP A 143 -3.50 -8.17 -0.86
N ILE A 144 -2.45 -8.71 -0.24
CA ILE A 144 -2.23 -10.14 -0.24
C ILE A 144 -1.83 -10.61 1.16
N ALA A 145 -2.30 -11.77 1.56
CA ALA A 145 -1.86 -12.33 2.82
C ALA A 145 -1.53 -13.81 2.68
N ASP A 146 -0.54 -14.23 3.47
CA ASP A 146 -0.15 -15.63 3.56
C ASP A 146 -0.85 -16.26 4.76
N VAL A 147 -1.53 -17.38 4.53
CA VAL A 147 -2.21 -18.09 5.61
C VAL A 147 -1.51 -19.40 5.92
N TYR A 148 -1.19 -19.59 7.20
CA TYR A 148 -0.56 -20.81 7.71
C TYR A 148 -1.53 -21.54 8.64
N SER A 149 -1.71 -22.84 8.41
CA SER A 149 -2.60 -23.66 9.23
C SER A 149 -1.92 -24.13 10.53
N ALA A 150 -2.58 -25.02 11.27
CA ALA A 150 -2.01 -25.62 12.48
C ALA A 150 -0.75 -26.44 12.16
N ASP A 151 -0.60 -26.79 10.88
CA ASP A 151 0.56 -27.51 10.35
C ASP A 151 1.82 -26.64 10.32
N ASN A 152 1.63 -25.32 10.25
CA ASN A 152 2.71 -24.31 10.19
C ASN A 152 3.39 -24.20 8.82
N ARG A 153 2.77 -24.81 7.82
CA ARG A 153 3.19 -24.65 6.43
C ARG A 153 2.26 -23.64 5.74
N LEU A 154 2.71 -23.10 4.60
CA LEU A 154 1.88 -22.22 3.78
C LEU A 154 0.65 -22.96 3.23
N ALA A 155 -0.49 -22.69 3.86
CA ALA A 155 -1.76 -23.27 3.44
C ALA A 155 -2.36 -22.54 2.24
N GLU A 156 -2.44 -21.20 2.32
CA GLU A 156 -3.05 -20.40 1.24
C GLU A 156 -2.34 -19.05 1.04
N GLN A 157 -2.37 -18.57 -0.19
CA GLN A 157 -2.14 -17.15 -0.45
C GLN A 157 -3.48 -16.56 -0.81
N VAL A 158 -3.83 -15.45 -0.17
CA VAL A 158 -5.14 -14.83 -0.32
C VAL A 158 -5.00 -13.39 -0.83
N ILE A 159 -5.64 -13.12 -1.96
CA ILE A 159 -5.60 -11.80 -2.55
C ILE A 159 -6.98 -11.16 -2.41
N ALA A 160 -7.01 -9.94 -1.86
CA ALA A 160 -8.25 -9.18 -1.75
C ALA A 160 -8.16 -7.98 -2.65
N SER A 161 -9.24 -7.67 -3.36
CA SER A 161 -9.26 -6.52 -4.25
C SER A 161 -10.63 -5.85 -4.25
N VAL A 162 -10.64 -4.54 -4.50
CA VAL A 162 -11.88 -3.78 -4.49
C VAL A 162 -11.93 -2.91 -5.72
N GLY A 163 -13.14 -2.66 -6.23
CA GLY A 163 -13.29 -1.86 -7.43
C GLY A 163 -14.52 -0.96 -7.48
N ASP A 164 -14.63 -0.23 -8.59
CA ASP A 164 -15.77 0.62 -8.91
C ASP A 164 -17.03 -0.20 -9.22
N ASP A 165 -16.90 -1.50 -9.43
CA ASP A 165 -18.07 -2.37 -9.56
C ASP A 165 -18.69 -2.67 -8.20
N CYS A 166 -18.23 -1.95 -7.17
CA CYS A 166 -18.82 -2.04 -5.84
C CYS A 166 -18.76 -3.46 -5.29
N THR A 167 -17.67 -4.16 -5.58
CA THR A 167 -17.51 -5.46 -4.97
C THR A 167 -16.12 -5.64 -4.35
N LEU A 168 -16.07 -6.52 -3.35
CA LEU A 168 -14.84 -6.99 -2.76
C LEU A 168 -14.65 -8.40 -3.24
N ILE A 169 -13.49 -8.69 -3.82
CA ILE A 169 -13.19 -10.05 -4.27
C ILE A 169 -12.14 -10.67 -3.38
N ILE A 170 -12.45 -11.87 -2.89
CA ILE A 170 -11.47 -12.66 -2.14
C ILE A 170 -11.07 -13.85 -2.98
N TRP A 171 -9.77 -13.98 -3.20
CA TRP A 171 -9.24 -14.94 -4.14
C TRP A 171 -8.21 -15.73 -3.41
N ARG A 172 -8.57 -16.97 -3.08
CA ARG A 172 -7.66 -17.84 -2.34
C ARG A 172 -7.01 -18.85 -3.25
N LEU A 173 -5.69 -18.93 -3.17
CA LEU A 173 -4.94 -19.97 -3.87
C LEU A 173 -4.52 -20.99 -2.85
N THR A 174 -5.14 -22.17 -2.91
CA THR A 174 -5.08 -23.19 -1.86
C THR A 174 -4.31 -24.44 -2.29
N ASP A 175 -4.11 -25.35 -1.31
CA ASP A 175 -3.67 -26.73 -1.55
C ASP A 175 -4.74 -27.54 -2.31
N GLU A 176 -5.88 -26.90 -2.56
CA GLU A 176 -7.00 -27.52 -3.27
C GLU A 176 -7.17 -26.86 -4.65
N GLY A 177 -6.48 -25.74 -4.85
CA GLY A 177 -6.67 -24.90 -6.04
C GLY A 177 -7.40 -23.61 -5.68
N PRO A 178 -7.83 -22.85 -6.69
CA PRO A 178 -8.46 -21.55 -6.43
C PRO A 178 -9.84 -21.62 -5.77
N ILE A 179 -10.07 -20.75 -4.80
CA ILE A 179 -11.41 -20.46 -4.31
C ILE A 179 -11.69 -18.96 -4.48
N LEU A 180 -12.79 -18.68 -5.18
CA LEU A 180 -13.20 -17.34 -5.55
C LEU A 180 -14.48 -16.96 -4.81
N ALA A 181 -14.56 -15.73 -4.28
CA ALA A 181 -15.76 -15.23 -3.61
C ALA A 181 -15.87 -13.72 -3.77
N GLY A 182 -17.07 -13.24 -4.08
CA GLY A 182 -17.36 -11.80 -4.27
C GLY A 182 -18.34 -11.31 -3.22
N TYR A 183 -18.10 -10.14 -2.66
CA TYR A 183 -18.99 -9.57 -1.65
C TYR A 183 -19.43 -8.17 -2.05
N PRO A 184 -20.73 -7.86 -1.89
CA PRO A 184 -21.23 -6.57 -2.39
C PRO A 184 -20.94 -5.41 -1.45
N LEU A 185 -20.63 -4.25 -2.02
CA LEU A 185 -20.38 -3.04 -1.25
C LEU A 185 -21.47 -2.05 -1.60
N SER A 186 -21.64 -0.99 -0.80
CA SER A 186 -22.72 -0.04 -1.04
C SER A 186 -22.33 1.14 -1.92
N SER A 187 -21.03 1.21 -2.25
CA SER A 187 -20.46 2.22 -3.14
C SER A 187 -19.07 1.70 -3.53
N PRO A 188 -18.38 2.35 -4.49
CA PRO A 188 -17.10 1.80 -4.95
C PRO A 188 -16.10 1.50 -3.82
N GLY A 189 -15.44 0.33 -3.92
CA GLY A 189 -14.39 -0.02 -2.94
C GLY A 189 -13.13 0.72 -3.34
N ILE A 190 -12.58 1.52 -2.42
CA ILE A 190 -11.39 2.35 -2.73
C ILE A 190 -10.14 1.94 -1.94
N SER A 191 -10.28 1.14 -0.89
CA SER A 191 -9.09 0.59 -0.25
C SER A 191 -9.39 -0.75 0.39
N VAL A 192 -8.35 -1.58 0.50
CA VAL A 192 -8.47 -2.86 1.20
C VAL A 192 -7.13 -3.19 1.84
N GLN A 193 -7.17 -3.75 3.05
CA GLN A 193 -5.95 -4.12 3.73
C GLN A 193 -6.23 -5.21 4.75
N PHE A 194 -5.43 -6.28 4.69
CA PHE A 194 -5.48 -7.34 5.70
C PHE A 194 -5.00 -6.80 7.04
N ARG A 195 -5.57 -7.30 8.12
CA ARG A 195 -5.19 -6.85 9.46
C ARG A 195 -3.82 -7.41 9.85
N PRO A 196 -2.87 -6.51 10.19
CA PRO A 196 -1.58 -6.95 10.73
C PRO A 196 -1.78 -7.98 11.85
N SER A 197 -1.05 -9.08 11.76
CA SER A 197 -1.10 -10.21 12.71
C SER A 197 -2.37 -11.06 12.64
N ASN A 198 -3.30 -10.73 11.75
CA ASN A 198 -4.56 -11.47 11.65
C ASN A 198 -5.01 -11.54 10.19
N PRO A 199 -4.42 -12.46 9.42
CA PRO A 199 -4.76 -12.53 7.98
C PRO A 199 -6.22 -12.93 7.71
N ASN A 200 -6.93 -13.35 8.76
CA ASN A 200 -8.33 -13.76 8.65
C ASN A 200 -9.24 -12.55 8.50
N GLN A 201 -8.75 -11.38 8.89
CA GLN A 201 -9.54 -10.17 8.85
C GLN A 201 -8.98 -9.11 7.91
N LEU A 202 -9.88 -8.29 7.37
CA LEU A 202 -9.46 -7.17 6.56
C LEU A 202 -10.37 -5.96 6.77
N ILE A 203 -9.95 -4.82 6.21
CA ILE A 203 -10.71 -3.59 6.30
C ILE A 203 -10.86 -3.04 4.90
N VAL A 204 -12.08 -2.60 4.60
CA VAL A 204 -12.41 -2.06 3.30
C VAL A 204 -12.89 -0.64 3.44
N GLY A 205 -12.35 0.26 2.64
CA GLY A 205 -12.88 1.62 2.60
C GLY A 205 -13.76 1.75 1.37
N GLU A 206 -14.93 2.34 1.55
CA GLU A 206 -15.83 2.62 0.44
C GLU A 206 -15.80 4.11 0.16
N ARG A 207 -16.06 4.50 -1.08
CA ARG A 207 -16.09 5.91 -1.47
C ARG A 207 -17.01 6.79 -0.59
N ASN A 208 -18.16 6.24 -0.16
CA ASN A 208 -19.18 6.99 0.61
C ASN A 208 -18.89 7.16 2.06
N GLY A 209 -17.79 6.57 2.52
CA GLY A 209 -17.40 6.76 3.91
C GLY A 209 -17.56 5.52 4.75
N ASN A 210 -18.29 4.53 4.24
CA ASN A 210 -18.41 3.25 4.93
C ASN A 210 -17.07 2.54 5.05
N ILE A 211 -16.83 1.97 6.22
CA ILE A 211 -15.62 1.24 6.52
C ILE A 211 -16.03 -0.15 6.98
N ARG A 212 -15.80 -1.16 6.14
CA ARG A 212 -16.14 -2.54 6.48
C ARG A 212 -14.98 -3.27 7.13
N ILE A 213 -15.25 -3.84 8.30
CA ILE A 213 -14.36 -4.83 8.89
C ILE A 213 -14.96 -6.24 8.69
N PHE A 214 -14.11 -7.15 8.25
CA PHE A 214 -14.57 -8.39 7.65
C PHE A 214 -13.66 -9.54 8.07
N ASP A 215 -14.25 -10.61 8.59
CA ASP A 215 -13.50 -11.86 8.74
C ASP A 215 -13.97 -12.78 7.62
N TRP A 216 -13.10 -13.05 6.66
CA TRP A 216 -13.49 -13.74 5.43
C TRP A 216 -13.54 -15.23 5.60
N THR A 217 -13.16 -15.73 6.77
CA THR A 217 -13.05 -17.18 7.02
C THR A 217 -14.31 -17.77 7.66
N LEU A 218 -15.15 -16.89 8.22
CA LEU A 218 -16.41 -17.32 8.84
C LEU A 218 -17.41 -17.79 7.78
N ASN A 219 -18.43 -18.54 8.19
CA ASN A 219 -19.46 -19.00 7.27
C ASN A 219 -20.81 -18.33 7.47
N LEU A 230 -23.84 -16.57 -0.87
CA LEU A 230 -23.31 -15.52 0.00
C LEU A 230 -24.38 -14.49 0.36
N VAL A 231 -24.13 -13.72 1.42
CA VAL A 231 -25.14 -12.76 1.91
C VAL A 231 -24.84 -11.30 1.57
N LYS A 232 -25.89 -10.48 1.74
CA LYS A 232 -25.84 -9.03 1.59
C LYS A 232 -25.09 -8.31 2.75
N ASN A 233 -25.11 -8.90 3.95
CA ASN A 233 -24.39 -8.34 5.11
C ASN A 233 -23.37 -9.31 5.76
N PRO A 234 -22.18 -9.48 5.12
CA PRO A 234 -21.20 -10.42 5.69
C PRO A 234 -20.23 -9.79 6.69
N TRP A 235 -20.34 -8.48 6.90
CA TRP A 235 -19.41 -7.74 7.76
C TRP A 235 -19.56 -7.99 9.24
N LEU A 236 -18.46 -7.84 9.97
CA LEU A 236 -18.47 -7.88 11.42
C LEU A 236 -18.89 -6.52 11.97
N LEU A 237 -18.52 -5.46 11.26
CA LEU A 237 -18.63 -4.12 11.79
C LEU A 237 -18.50 -3.16 10.64
N THR A 238 -19.34 -2.14 10.63
CA THR A 238 -19.20 -1.07 9.66
C THR A 238 -19.10 0.25 10.40
N LEU A 239 -17.93 0.90 10.29
CA LEU A 239 -17.76 2.27 10.76
C LEU A 239 -18.14 3.19 9.61
N ASN A 240 -18.12 4.49 9.83
CA ASN A 240 -18.64 5.40 8.83
C ASN A 240 -18.14 6.80 9.09
N THR A 241 -17.52 7.41 8.08
CA THR A 241 -16.92 8.75 8.27
C THR A 241 -17.97 9.83 8.04
N LEU A 242 -19.01 9.49 7.28
CA LEU A 242 -19.97 10.50 6.81
C LEU A 242 -20.57 11.41 7.91
N PRO A 243 -21.12 10.83 9.00
CA PRO A 243 -21.71 11.71 10.02
C PRO A 243 -20.68 12.48 10.85
N LEU A 244 -19.43 12.07 10.79
CA LEU A 244 -18.39 12.69 11.61
C LEU A 244 -17.66 13.82 10.89
N VAL A 245 -17.88 13.92 9.58
CA VAL A 245 -17.29 14.95 8.71
C VAL A 245 -18.46 15.54 7.91
N GLY A 252 -13.66 10.05 -7.15
CA GLY A 252 -14.08 11.43 -7.35
C GLY A 252 -13.95 12.16 -6.03
N ILE A 253 -13.67 13.46 -6.09
CA ILE A 253 -13.36 14.27 -4.89
C ILE A 253 -14.64 14.82 -4.23
N ALA A 254 -14.83 14.46 -2.95
CA ALA A 254 -15.96 14.95 -2.15
C ALA A 254 -15.67 14.90 -0.64
N SER A 255 -16.74 14.86 0.16
CA SER A 255 -16.65 14.78 1.62
C SER A 255 -15.88 13.56 2.13
N SER A 256 -15.87 12.49 1.32
CA SER A 256 -15.12 11.25 1.62
C SER A 256 -14.69 10.63 0.28
N LEU A 257 -13.89 9.55 0.25
CA LEU A 257 -13.00 8.93 1.27
C LEU A 257 -11.78 8.45 0.46
N ALA A 258 -10.56 8.69 0.96
CA ALA A 258 -9.35 8.42 0.18
C ALA A 258 -8.83 7.02 0.47
N ASN A 259 -8.68 6.70 1.75
CA ASN A 259 -8.34 5.33 2.13
C ASN A 259 -8.63 5.11 3.61
N VAL A 260 -8.51 3.86 4.04
CA VAL A 260 -8.53 3.52 5.45
C VAL A 260 -7.51 2.44 5.69
N ARG A 261 -6.81 2.54 6.81
CA ARG A 261 -5.69 1.66 7.09
C ARG A 261 -5.74 1.22 8.53
N TRP A 262 -5.27 0.00 8.77
CA TRP A 262 -5.02 -0.50 10.11
C TRP A 262 -3.80 0.18 10.65
N ILE A 263 -3.77 0.50 11.95
CA ILE A 263 -2.52 0.94 12.57
C ILE A 263 -2.09 0.08 13.77
N GLY A 264 -0.79 0.01 13.98
CA GLY A 264 -0.23 -0.82 15.06
C GLY A 264 0.05 -2.24 14.62
N SER A 265 1.04 -2.84 15.26
CA SER A 265 1.55 -4.18 14.92
C SER A 265 0.46 -5.25 14.97
N ASP A 266 -0.58 -4.99 15.75
CA ASP A 266 -1.66 -5.94 15.97
C ASP A 266 -2.95 -5.45 15.33
N GLY A 267 -2.88 -4.33 14.63
CA GLY A 267 -4.09 -3.70 14.07
C GLY A 267 -5.03 -3.30 15.19
N SER A 268 -4.48 -2.62 16.18
CA SER A 268 -5.24 -2.15 17.33
C SER A 268 -5.84 -0.78 17.07
N GLY A 269 -5.60 -0.22 15.88
CA GLY A 269 -6.24 1.02 15.51
C GLY A 269 -6.65 1.10 14.04
N ILE A 270 -7.45 2.11 13.72
CA ILE A 270 -7.91 2.31 12.37
C ILE A 270 -7.77 3.77 12.07
N LEU A 271 -7.17 4.07 10.90
CA LEU A 271 -7.02 5.43 10.42
C LEU A 271 -7.69 5.60 9.07
N ALA A 272 -8.57 6.59 8.99
CA ALA A 272 -9.34 6.85 7.79
C ALA A 272 -8.99 8.25 7.32
N MET A 273 -8.83 8.41 6.02
CA MET A 273 -8.53 9.73 5.46
C MET A 273 -9.48 10.04 4.32
N CYS A 274 -10.13 11.20 4.41
CA CYS A 274 -10.97 11.68 3.28
C CYS A 274 -10.14 12.49 2.30
N LYS A 275 -10.61 12.58 1.07
CA LYS A 275 -9.96 13.33 0.01
C LYS A 275 -9.77 14.81 0.32
N SER A 276 -10.60 15.32 1.22
CA SER A 276 -10.51 16.70 1.68
C SER A 276 -9.33 16.90 2.62
N GLY A 277 -8.80 15.80 3.15
CA GLY A 277 -7.75 15.86 4.18
C GLY A 277 -8.28 15.65 5.58
N ALA A 278 -9.58 15.47 5.73
CA ALA A 278 -10.16 15.20 7.06
C ALA A 278 -9.83 13.77 7.41
N TRP A 279 -9.31 13.55 8.60
CA TRP A 279 -8.90 12.21 9.00
C TRP A 279 -9.46 11.84 10.34
N LEU A 280 -9.61 10.53 10.54
CA LEU A 280 -10.22 9.97 11.74
C LEU A 280 -9.45 8.76 12.19
N ARG A 281 -9.30 8.67 13.50
CA ARG A 281 -8.62 7.56 14.14
C ARG A 281 -9.50 6.94 15.23
N TRP A 282 -9.57 5.62 15.21
CA TRP A 282 -10.25 4.85 16.24
C TRP A 282 -9.27 3.91 16.87
N ASN A 283 -9.35 3.73 18.19
CA ASN A 283 -8.59 2.65 18.87
C ASN A 283 -9.53 1.52 19.25
N LEU A 284 -8.99 0.31 19.37
CA LEU A 284 -9.82 -0.87 19.56
C LEU A 284 -9.64 -1.58 20.92
N ASN A 304 -19.04 9.11 22.63
CA ASN A 304 -18.88 7.81 23.28
C ASN A 304 -18.60 6.68 22.28
N LEU A 305 -19.29 6.75 21.13
CA LEU A 305 -19.09 5.83 20.01
C LEU A 305 -18.49 6.57 18.81
N LEU A 306 -18.03 7.79 19.07
CA LEU A 306 -17.28 8.58 18.12
C LEU A 306 -15.84 8.03 18.01
N PRO A 307 -15.03 8.55 17.06
CA PRO A 307 -13.61 8.18 17.04
C PRO A 307 -12.86 8.81 18.20
N ASN A 308 -11.73 8.22 18.57
CA ASN A 308 -10.91 8.78 19.63
C ASN A 308 -10.32 10.14 19.30
N VAL A 309 -10.04 10.38 18.02
CA VAL A 309 -9.50 11.68 17.61
C VAL A 309 -9.69 11.97 16.13
N GLN A 310 -9.88 13.23 15.81
CA GLN A 310 -10.09 13.71 14.45
C GLN A 310 -9.23 14.91 14.16
N GLY A 311 -9.07 15.20 12.88
CA GLY A 311 -8.34 16.38 12.46
C GLY A 311 -8.46 16.57 10.97
N ILE A 312 -7.81 17.62 10.48
CA ILE A 312 -7.82 17.89 9.07
C ILE A 312 -6.41 18.28 8.61
N SER A 313 -5.94 17.67 7.53
CA SER A 313 -4.64 17.96 6.98
C SER A 313 -4.64 19.39 6.41
N LEU A 314 -3.48 20.02 6.33
CA LEU A 314 -3.32 21.29 5.63
C LEU A 314 -3.77 21.23 4.18
N PHE A 315 -3.72 20.04 3.58
CA PHE A 315 -3.97 19.88 2.15
C PHE A 315 -4.97 18.77 1.89
N PRO A 316 -5.65 18.82 0.73
CA PRO A 316 -6.43 17.67 0.32
C PRO A 316 -5.53 16.43 0.13
N SER A 317 -6.09 15.25 0.30
CA SER A 317 -5.33 14.02 0.23
C SER A 317 -5.93 13.07 -0.80
N LEU A 318 -5.53 13.26 -2.07
CA LEU A 318 -5.96 12.38 -3.17
C LEU A 318 -5.59 10.92 -2.95
N LEU A 319 -4.39 10.68 -2.42
CA LEU A 319 -3.90 9.32 -2.22
C LEU A 319 -4.26 8.73 -0.86
N GLY A 320 -4.66 9.56 0.11
CA GLY A 320 -4.96 9.02 1.43
C GLY A 320 -3.73 9.02 2.33
N ALA A 321 -3.88 8.43 3.51
CA ALA A 321 -2.84 8.49 4.50
C ALA A 321 -1.89 7.32 4.36
N CYS A 322 -0.64 7.58 4.73
CA CYS A 322 0.42 6.59 4.79
C CYS A 322 0.98 6.46 6.22
N PRO A 323 0.47 5.49 6.98
CA PRO A 323 0.81 5.34 8.42
C PRO A 323 2.28 5.01 8.64
N HIS A 324 2.88 5.55 9.71
CA HIS A 324 4.30 5.29 9.99
C HIS A 324 4.48 3.84 10.37
N PRO A 325 5.56 3.18 9.89
CA PRO A 325 5.61 1.73 10.15
C PRO A 325 5.98 1.35 11.59
N ARG A 326 6.41 2.31 12.40
CA ARG A 326 6.87 1.99 13.75
C ARG A 326 6.14 2.78 14.82
N TYR A 327 5.85 4.06 14.54
CA TYR A 327 5.20 4.95 15.49
C TYR A 327 3.76 5.23 15.10
N MET A 328 2.83 4.54 15.76
CA MET A 328 1.44 4.57 15.34
C MET A 328 0.75 5.94 15.45
N ASP A 329 1.36 6.87 16.16
CA ASP A 329 0.80 8.24 16.21
C ASP A 329 1.04 9.06 14.96
N TYR A 330 1.95 8.59 14.08
CA TYR A 330 2.37 9.38 12.93
C TYR A 330 1.85 8.80 11.64
N PHE A 331 1.48 9.67 10.72
CA PHE A 331 1.25 9.26 9.35
C PHE A 331 1.66 10.40 8.43
N ALA A 332 1.86 10.07 7.16
CA ALA A 332 2.20 11.08 6.16
C ALA A 332 1.04 11.23 5.22
N THR A 333 0.82 12.45 4.76
CA THR A 333 -0.18 12.68 3.73
C THR A 333 0.30 13.73 2.74
N ALA A 334 0.07 13.48 1.45
CA ALA A 334 0.57 14.38 0.38
C ALA A 334 -0.48 15.31 -0.20
N HIS A 335 -0.04 16.51 -0.56
CA HIS A 335 -0.70 17.32 -1.57
C HIS A 335 -0.09 16.89 -2.85
N SER A 336 -0.69 15.88 -3.48
CA SER A 336 -0.03 15.20 -4.58
C SER A 336 0.19 16.04 -5.83
N GLN A 337 -0.75 16.92 -6.16
CA GLN A 337 -0.63 17.76 -7.35
C GLN A 337 0.47 18.81 -7.20
N HIS A 338 0.67 19.33 -5.98
CA HIS A 338 1.68 20.37 -5.74
C HIS A 338 3.01 19.86 -5.24
N GLY A 339 3.07 18.59 -4.86
CA GLY A 339 4.35 18.01 -4.42
C GLY A 339 4.71 18.26 -2.97
N LEU A 340 3.70 18.33 -2.10
CA LEU A 340 3.98 18.49 -0.66
C LEU A 340 3.60 17.24 0.13
N ILE A 341 4.38 16.95 1.17
CA ILE A 341 4.03 15.89 2.11
C ILE A 341 4.01 16.45 3.52
N GLN A 342 2.86 16.32 4.19
CA GLN A 342 2.73 16.72 5.58
C GLN A 342 2.94 15.50 6.45
N LEU A 343 3.62 15.68 7.57
CA LEU A 343 3.75 14.62 8.57
C LEU A 343 2.92 15.03 9.77
N ILE A 344 1.94 14.20 10.10
CA ILE A 344 0.96 14.53 11.13
C ILE A 344 1.11 13.56 12.29
N ASN A 345 1.11 14.11 13.50
CA ASN A 345 1.05 13.33 14.72
C ASN A 345 -0.37 13.44 15.25
N THR A 346 -1.04 12.31 15.42
CA THR A 346 -2.48 12.33 15.74
C THR A 346 -2.81 12.91 17.12
N TYR A 347 -1.86 12.81 18.04
CA TYR A 347 -2.05 13.35 19.40
C TYR A 347 -1.46 14.72 19.66
N GLU A 348 -0.89 15.35 18.63
CA GLU A 348 -0.31 16.69 18.77
C GLU A 348 -0.75 17.64 17.66
N LYS A 349 -1.87 18.32 17.87
CA LYS A 349 -2.33 19.35 16.92
C LYS A 349 -1.49 20.63 16.95
N ASP A 350 -1.60 21.40 15.87
CA ASP A 350 -0.74 22.58 15.61
C ASP A 350 0.71 22.22 15.23
N SER A 351 1.00 20.91 15.14
CA SER A 351 2.28 20.44 14.63
C SER A 351 2.23 20.41 13.09
N ASN A 352 2.28 21.61 12.49
CA ASN A 352 2.22 21.75 11.04
C ASN A 352 3.55 21.42 10.38
N SER A 353 3.92 20.14 10.47
CA SER A 353 5.18 19.64 9.94
C SER A 353 5.10 19.25 8.45
N ILE A 354 5.89 19.95 7.63
CA ILE A 354 5.94 19.69 6.20
C ILE A 354 7.36 19.33 5.77
N PRO A 355 7.74 18.05 5.90
CA PRO A 355 9.12 17.71 5.55
C PRO A 355 9.42 17.88 4.05
N ILE A 356 8.45 17.68 3.18
CA ILE A 356 8.72 17.59 1.75
C ILE A 356 8.00 18.63 0.91
N GLN A 357 8.76 19.40 0.12
CA GLN A 357 8.18 20.19 -0.98
C GLN A 357 9.04 19.99 -2.23
N LEU A 358 8.44 19.52 -3.31
CA LEU A 358 9.21 19.22 -4.53
C LEU A 358 9.01 20.20 -5.68
N GLY A 359 7.92 20.96 -5.67
CA GLY A 359 7.61 21.84 -6.81
C GLY A 359 7.20 21.06 -8.06
N MET A 360 6.73 19.84 -7.89
CA MET A 360 6.26 19.00 -9.01
C MET A 360 5.36 17.95 -8.41
N PRO A 361 4.46 17.37 -9.23
CA PRO A 361 3.51 16.41 -8.66
C PRO A 361 4.19 15.16 -8.10
N ILE A 362 3.61 14.62 -7.04
CA ILE A 362 3.96 13.33 -6.47
C ILE A 362 2.94 12.28 -6.95
N VAL A 363 3.44 11.20 -7.54
CA VAL A 363 2.62 10.08 -8.01
C VAL A 363 2.25 9.13 -6.85
N ASP A 364 3.23 8.78 -6.03
CA ASP A 364 3.00 7.87 -4.90
C ASP A 364 4.19 7.98 -3.95
N PHE A 365 4.02 7.47 -2.74
CA PHE A 365 5.10 7.44 -1.77
C PHE A 365 4.84 6.35 -0.74
N CYS A 366 5.89 5.91 -0.05
CA CYS A 366 5.77 4.85 0.95
C CYS A 366 6.97 4.93 1.88
N TRP A 367 6.73 4.55 3.14
CA TRP A 367 7.78 4.45 4.15
C TRP A 367 8.56 3.19 4.02
N HIS A 368 9.88 3.28 4.20
CA HIS A 368 10.72 2.11 4.41
C HIS A 368 10.43 1.57 5.80
N GLN A 369 10.61 0.26 5.99
CA GLN A 369 10.28 -0.32 7.30
C GLN A 369 11.09 0.27 8.47
N ASP A 370 12.28 0.81 8.20
CA ASP A 370 13.09 1.45 9.24
C ASP A 370 12.44 2.71 9.81
N GLY A 371 11.47 3.26 9.09
CA GLY A 371 10.75 4.45 9.52
C GLY A 371 11.48 5.77 9.42
N SER A 372 12.61 5.80 8.70
CA SER A 372 13.42 7.01 8.52
C SER A 372 13.35 7.47 7.08
N HIS A 373 13.31 6.49 6.18
CA HIS A 373 13.30 6.76 4.75
C HIS A 373 11.92 6.72 4.17
N LEU A 374 11.70 7.60 3.20
CA LEU A 374 10.52 7.58 2.33
C LEU A 374 10.99 7.37 0.90
N ALA A 375 10.25 6.58 0.13
CA ALA A 375 10.43 6.58 -1.31
C ALA A 375 9.29 7.38 -1.88
N ILE A 376 9.59 8.24 -2.84
CA ILE A 376 8.62 9.13 -3.42
C ILE A 376 8.77 9.05 -4.94
N ALA A 377 7.70 8.67 -5.64
CA ALA A 377 7.73 8.72 -7.10
C ALA A 377 7.16 10.04 -7.60
N THR A 378 7.89 10.66 -8.52
CA THR A 378 7.36 11.79 -9.28
C THR A 378 7.03 11.27 -10.67
N GLU A 379 6.73 12.17 -11.60
CA GLU A 379 6.34 11.74 -12.94
C GLU A 379 7.50 11.18 -13.76
N GLY A 380 8.73 11.54 -13.38
CA GLY A 380 9.91 11.09 -14.11
C GLY A 380 11.05 10.63 -13.22
N SER A 381 10.78 10.45 -11.92
CA SER A 381 11.86 10.07 -11.02
C SER A 381 11.39 9.38 -9.76
N VAL A 382 12.36 8.82 -9.03
CA VAL A 382 12.12 8.33 -7.71
C VAL A 382 13.11 8.93 -6.74
N LEU A 383 12.61 9.38 -5.60
CA LEU A 383 13.45 9.95 -4.58
C LEU A 383 13.51 9.05 -3.38
N LEU A 384 14.71 8.97 -2.80
CA LEU A 384 14.87 8.31 -1.52
C LEU A 384 15.24 9.40 -0.51
N THR A 385 14.40 9.56 0.50
CA THR A 385 14.50 10.68 1.43
C THR A 385 14.59 10.20 2.87
N ARG A 386 15.59 10.69 3.60
CA ARG A 386 15.79 10.27 4.97
C ARG A 386 15.45 11.43 5.89
N LEU A 387 14.48 11.21 6.76
CA LEU A 387 14.08 12.21 7.76
C LEU A 387 14.95 12.01 8.99
N MET A 388 15.83 12.97 9.28
CA MET A 388 16.83 12.83 10.35
C MET A 388 16.23 12.66 11.74
N GLY A 389 15.08 13.31 11.96
CA GLY A 389 14.37 13.21 13.22
C GLY A 389 13.92 11.81 13.61
N PHE A 390 13.80 10.91 12.64
CA PHE A 390 13.41 9.52 12.93
C PHE A 390 14.60 8.59 13.11
N THR A 391 15.77 9.10 12.72
CA THR A 391 17.08 8.49 13.00
C THR A 391 17.32 8.24 14.51
N ARG A 392 17.61 6.99 14.95
CA ARG A 392 17.88 5.78 14.15
C ARG A 392 19.22 5.87 13.39
#